data_4G01
#
_entry.id   4G01
#
_cell.length_a   68.349
_cell.length_b   76.139
_cell.length_c   81.787
_cell.angle_alpha   90.00
_cell.angle_beta   90.00
_cell.angle_gamma   90.00
#
_symmetry.space_group_name_H-M   'P 21 21 21'
#
loop_
_entity.id
_entity.type
_entity.pdbx_description
1 polymer 'Vacuolar protein sorting-associated protein 9A'
2 polymer 'Ras-related protein RABF2b'
3 non-polymer 'CALCIUM ION'
4 non-polymer "GUANOSINE-5'-DIPHOSPHATE"
5 water water
#
loop_
_entity_poly.entity_id
_entity_poly.type
_entity_poly.pdbx_seq_one_letter_code
_entity_poly.pdbx_strand_id
1 'polypeptide(L)'
;GSMENTDVFLGLHDFLERMRKPSAGDFVKSIKSFIVSFSNNAPDPEKDCAMVQEFFSKMEAAFRAHPLWSGCSEEELDSA
GDGLEKYVMTKLFTRVFASNTEEVIADEKLFQKMSLVQQFISPENLDIQPTFQNESSWLLAQKELQKINMYKAPRDKLVC
ILNCCKVINNLLLNASIASNENAPGADEFLPVLIYVTIKANPPQLHSNLLYIQRYRRESKLVGEAAYFFTNILSAESFIS
NIDAKSISLDEAEFEKNMESARARISG
;
A
2 'polypeptide(L)'
;GSMAAAGNKSINAKLVLLGDVGAGKSSLVLRFVKDQFVEFQESTIGAAFFSQTLAVNDATVKFEIWDTAGQERYHSLAPM
YYRGAAAAIIVFDVTNQASFERAKKWVQELQAQGNPNMVMALAGNKSDLLDARKVTAEDAQTYAQENGLFFMETSAKTAT
NVKEIFYEIARRLPRVQPTEN
;
B
#
# COMPACT_ATOMS: atom_id res chain seq x y z
N VAL A 28 -6.98 -34.77 3.91
CA VAL A 28 -5.50 -34.92 4.10
C VAL A 28 -4.88 -35.64 2.92
N LYS A 29 -5.64 -36.57 2.36
CA LYS A 29 -5.20 -37.41 1.27
C LYS A 29 -4.99 -36.52 0.05
N SER A 30 -5.98 -35.66 -0.19
CA SER A 30 -5.97 -34.65 -1.26
C SER A 30 -4.62 -33.92 -1.30
N ILE A 31 -4.20 -33.41 -0.14
CA ILE A 31 -3.00 -32.60 0.02
C ILE A 31 -1.69 -33.30 -0.36
N LYS A 32 -1.44 -34.47 0.22
CA LYS A 32 -0.21 -35.18 -0.11
C LYS A 32 -0.16 -35.60 -1.59
N SER A 33 -1.29 -36.01 -2.13
CA SER A 33 -1.32 -36.44 -3.53
C SER A 33 -1.37 -35.22 -4.46
N PHE A 34 -1.96 -34.14 -3.97
CA PHE A 34 -1.81 -32.87 -4.65
C PHE A 34 -0.32 -32.55 -4.79
N ILE A 35 0.40 -32.54 -3.66
CA ILE A 35 1.79 -32.11 -3.63
C ILE A 35 2.73 -32.98 -4.45
N VAL A 36 2.62 -34.31 -4.30
CA VAL A 36 3.46 -35.22 -5.07
C VAL A 36 3.27 -35.04 -6.59
N SER A 37 2.03 -35.04 -7.03
CA SER A 37 1.78 -34.98 -8.46
C SER A 37 1.94 -33.55 -8.97
N PHE A 38 1.68 -32.57 -8.10
CA PHE A 38 2.07 -31.20 -8.40
C PHE A 38 3.55 -31.09 -8.77
N SER A 39 4.41 -31.59 -7.89
CA SER A 39 5.84 -31.58 -8.10
C SER A 39 6.31 -32.45 -9.29
N ASN A 40 5.37 -33.14 -9.94
CA ASN A 40 5.66 -33.91 -11.16
C ASN A 40 5.40 -33.15 -12.46
N ASN A 41 4.60 -32.09 -12.37
CA ASN A 41 4.49 -31.08 -13.41
C ASN A 41 5.85 -30.43 -13.58
N ALA A 42 6.22 -30.11 -14.82
CA ALA A 42 7.42 -29.34 -15.08
C ALA A 42 7.25 -27.92 -14.51
N PRO A 43 8.26 -27.42 -13.77
CA PRO A 43 8.09 -26.13 -13.07
C PRO A 43 7.85 -24.99 -14.06
N ASP A 44 6.82 -24.18 -13.79
CA ASP A 44 6.65 -22.91 -14.45
C ASP A 44 5.95 -21.93 -13.50
N PRO A 45 6.61 -20.81 -13.15
CA PRO A 45 6.12 -19.95 -12.08
C PRO A 45 4.64 -19.52 -12.21
N GLU A 46 4.19 -19.24 -13.44
CA GLU A 46 2.82 -18.79 -13.68
C GLU A 46 1.78 -19.90 -13.53
N LYS A 47 2.02 -21.05 -14.14
CA LYS A 47 1.11 -22.18 -13.98
C LYS A 47 1.11 -22.71 -12.55
N ASP A 48 2.29 -22.75 -11.93
CA ASP A 48 2.43 -23.21 -10.54
C ASP A 48 1.60 -22.36 -9.58
N CYS A 49 1.73 -21.05 -9.71
CA CYS A 49 1.02 -20.25 -8.78
C CYS A 49 -0.49 -20.21 -9.10
N ALA A 50 -0.86 -20.27 -10.38
CA ALA A 50 -2.28 -20.43 -10.76
C ALA A 50 -2.90 -21.68 -10.14
N MET A 51 -2.20 -22.80 -10.29
CA MET A 51 -2.66 -24.09 -9.73
C MET A 51 -2.70 -24.06 -8.20
N VAL A 52 -1.67 -23.50 -7.57
CA VAL A 52 -1.67 -23.36 -6.10
C VAL A 52 -2.81 -22.46 -5.60
N GLN A 53 -3.02 -21.31 -6.23
CA GLN A 53 -4.09 -20.43 -5.77
C GLN A 53 -5.49 -21.04 -5.93
N GLU A 54 -5.71 -21.78 -7.02
CA GLU A 54 -6.99 -22.48 -7.21
C GLU A 54 -7.16 -23.55 -6.14
N PHE A 55 -6.11 -24.30 -5.89
CA PHE A 55 -6.18 -25.29 -4.84
C PHE A 55 -6.53 -24.68 -3.49
N PHE A 56 -5.89 -23.57 -3.10
CA PHE A 56 -6.18 -22.94 -1.80
C PHE A 56 -7.62 -22.46 -1.77
N SER A 57 -8.05 -21.88 -2.88
CA SER A 57 -9.38 -21.32 -3.03
C SER A 57 -10.46 -22.42 -2.96
N LYS A 58 -10.16 -23.59 -3.52
CA LYS A 58 -11.09 -24.73 -3.42
C LYS A 58 -11.16 -25.24 -1.97
N MET A 59 -9.99 -25.28 -1.32
CA MET A 59 -9.89 -25.70 0.07
C MET A 59 -10.60 -24.75 1.06
N GLU A 60 -10.52 -23.44 0.82
CA GLU A 60 -11.30 -22.49 1.63
C GLU A 60 -12.78 -22.77 1.54
N ALA A 61 -13.28 -23.03 0.34
CA ALA A 61 -14.70 -23.42 0.14
C ALA A 61 -15.04 -24.70 0.91
N ALA A 62 -14.15 -25.69 0.89
CA ALA A 62 -14.36 -26.99 1.58
C ALA A 62 -14.35 -26.89 3.10
N PHE A 63 -13.41 -26.13 3.65
CA PHE A 63 -13.42 -25.82 5.09
C PHE A 63 -14.78 -25.25 5.50
N ARG A 64 -15.26 -24.29 4.72
CA ARG A 64 -16.52 -23.60 4.99
C ARG A 64 -17.67 -24.61 5.06
N ALA A 65 -17.56 -25.68 4.26
CA ALA A 65 -18.65 -26.63 4.11
C ALA A 65 -18.46 -27.88 4.96
N HIS A 66 -17.37 -27.93 5.72
CA HIS A 66 -17.06 -29.16 6.43
C HIS A 66 -17.66 -29.17 7.82
N PRO A 67 -18.30 -30.29 8.21
CA PRO A 67 -18.90 -30.43 9.54
C PRO A 67 -17.99 -29.90 10.66
N LEU A 68 -16.68 -30.07 10.52
CA LEU A 68 -15.72 -29.64 11.51
C LEU A 68 -15.67 -28.12 11.71
N TRP A 69 -16.02 -27.35 10.69
CA TRP A 69 -15.99 -25.88 10.82
C TRP A 69 -17.33 -25.18 10.82
N SER A 70 -18.38 -25.89 11.24
CA SER A 70 -19.71 -25.32 11.26
C SER A 70 -19.85 -24.18 12.27
N GLY A 71 -20.39 -23.07 11.78
CA GLY A 71 -20.76 -21.91 12.62
C GLY A 71 -19.62 -21.03 13.10
N CYS A 72 -18.40 -21.57 13.05
CA CYS A 72 -17.23 -20.90 13.56
C CYS A 72 -16.83 -19.67 12.72
N SER A 73 -16.16 -18.73 13.38
CA SER A 73 -15.80 -17.43 12.83
C SER A 73 -14.86 -17.48 11.61
N GLU A 74 -14.70 -16.34 10.97
CA GLU A 74 -13.68 -16.17 9.93
C GLU A 74 -12.26 -16.28 10.47
N GLU A 75 -12.05 -15.94 11.74
CA GLU A 75 -10.76 -16.16 12.39
C GLU A 75 -10.40 -17.64 12.37
N GLU A 76 -11.34 -18.49 12.78
CA GLU A 76 -11.10 -19.92 12.87
C GLU A 76 -10.90 -20.51 11.47
N LEU A 77 -11.67 -20.01 10.50
CA LEU A 77 -11.50 -20.44 9.11
C LEU A 77 -10.15 -20.01 8.51
N ASP A 78 -9.75 -18.76 8.74
CA ASP A 78 -8.46 -18.29 8.23
C ASP A 78 -7.33 -19.03 8.85
N SER A 79 -7.49 -19.38 10.11
CA SER A 79 -6.50 -20.17 10.81
C SER A 79 -6.24 -21.50 10.11
N ALA A 80 -7.31 -22.20 9.73
CA ALA A 80 -7.20 -23.48 8.98
C ALA A 80 -6.54 -23.26 7.62
N GLY A 81 -7.00 -22.23 6.91
CA GLY A 81 -6.41 -21.82 5.62
C GLY A 81 -4.91 -21.62 5.73
N ASP A 82 -4.48 -20.96 6.81
CA ASP A 82 -3.08 -20.62 7.01
C ASP A 82 -2.25 -21.85 7.28
N GLY A 83 -2.75 -22.75 8.12
CA GLY A 83 -2.13 -24.06 8.31
C GLY A 83 -1.92 -24.81 6.99
N LEU A 84 -2.92 -24.75 6.12
CA LEU A 84 -2.84 -25.43 4.83
C LEU A 84 -1.80 -24.78 3.93
N GLU A 85 -1.81 -23.45 3.88
CA GLU A 85 -0.80 -22.69 3.11
C GLU A 85 0.64 -23.08 3.46
N LYS A 86 0.91 -23.10 4.77
CA LYS A 86 2.26 -23.33 5.28
C LYS A 86 2.63 -24.78 5.01
N TYR A 87 1.66 -25.67 5.15
CA TYR A 87 1.96 -27.06 4.95
C TYR A 87 2.32 -27.30 3.49
N VAL A 88 1.45 -26.84 2.60
CA VAL A 88 1.69 -26.90 1.16
C VAL A 88 2.98 -26.19 0.76
N MET A 89 3.16 -24.94 1.20
CA MET A 89 4.27 -24.14 0.71
C MET A 89 5.64 -24.58 1.25
N THR A 90 5.66 -25.21 2.42
CA THR A 90 6.88 -25.81 2.96
C THR A 90 7.40 -26.92 2.03
N LYS A 91 6.52 -27.74 1.50
CA LYS A 91 6.97 -28.77 0.54
C LYS A 91 7.35 -28.17 -0.82
N LEU A 92 6.59 -27.18 -1.28
CA LEU A 92 6.84 -26.61 -2.61
C LEU A 92 7.96 -25.56 -2.68
N PHE A 93 8.47 -25.14 -1.53
CA PHE A 93 9.33 -23.97 -1.43
C PHE A 93 10.53 -24.04 -2.37
N THR A 94 11.27 -25.14 -2.34
CA THR A 94 12.51 -25.19 -3.12
C THR A 94 12.21 -25.15 -4.63
N ARG A 95 11.11 -25.78 -5.06
CA ARG A 95 10.62 -25.68 -6.45
C ARG A 95 10.23 -24.24 -6.87
N VAL A 96 9.58 -23.48 -5.99
CA VAL A 96 9.04 -22.17 -6.42
C VAL A 96 9.80 -20.88 -6.02
N PHE A 97 10.70 -20.95 -5.05
CA PHE A 97 11.34 -19.76 -4.53
C PHE A 97 12.65 -19.51 -5.24
N ALA A 98 12.80 -18.30 -5.77
CA ALA A 98 14.04 -17.87 -6.42
C ALA A 98 14.62 -18.96 -7.35
N SER A 99 13.78 -19.51 -8.23
CA SER A 99 14.14 -20.74 -8.95
C SER A 99 14.39 -20.57 -10.44
N ASN A 100 14.53 -19.33 -10.90
CA ASN A 100 14.99 -19.09 -12.26
C ASN A 100 15.99 -17.95 -12.31
N THR A 101 16.69 -17.81 -13.43
CA THR A 101 17.87 -16.93 -13.50
C THR A 101 17.46 -15.48 -13.43
N GLU A 102 16.38 -15.15 -14.11
CA GLU A 102 15.83 -13.80 -14.07
C GLU A 102 15.60 -13.28 -12.64
N GLU A 103 15.05 -14.13 -11.79
CA GLU A 103 14.75 -13.76 -10.41
C GLU A 103 16.04 -13.58 -9.60
N VAL A 104 16.95 -14.55 -9.76
CA VAL A 104 18.20 -14.49 -9.06
C VAL A 104 19.02 -13.25 -9.51
N ILE A 105 19.08 -12.97 -10.83
CA ILE A 105 19.80 -11.76 -11.32
C ILE A 105 19.24 -10.49 -10.71
N ALA A 106 17.90 -10.34 -10.69
CA ALA A 106 17.31 -9.18 -9.99
C ALA A 106 17.55 -9.13 -8.47
N ASP A 107 17.51 -10.29 -7.80
CA ASP A 107 17.90 -10.36 -6.37
C ASP A 107 19.31 -9.72 -6.13
N GLU A 108 20.29 -10.15 -6.93
CA GLU A 108 21.72 -9.81 -6.78
C GLU A 108 21.90 -8.31 -7.06
N LYS A 109 21.28 -7.87 -8.14
CA LYS A 109 21.29 -6.50 -8.58
C LYS A 109 20.74 -5.57 -7.47
N LEU A 110 19.63 -5.95 -6.87
CA LEU A 110 19.00 -5.12 -5.83
C LEU A 110 19.85 -5.11 -4.55
N PHE A 111 20.42 -6.26 -4.21
CA PHE A 111 21.29 -6.37 -3.03
C PHE A 111 22.55 -5.50 -3.20
N GLN A 112 23.17 -5.58 -4.38
CA GLN A 112 24.38 -4.84 -4.74
C GLN A 112 24.10 -3.34 -4.54
N LYS A 113 22.97 -2.88 -5.10
CA LYS A 113 22.58 -1.48 -5.01
C LYS A 113 22.38 -0.97 -3.58
N MET A 114 21.65 -1.74 -2.77
CA MET A 114 21.37 -1.32 -1.40
C MET A 114 22.64 -1.30 -0.59
N SER A 115 23.59 -2.18 -0.93
CA SER A 115 24.81 -2.29 -0.15
C SER A 115 25.74 -1.10 -0.36
N LEU A 116 25.60 -0.43 -1.51
CA LEU A 116 26.28 0.84 -1.77
C LEU A 116 25.50 1.98 -1.13
N VAL A 117 24.20 2.05 -1.41
CA VAL A 117 23.42 3.24 -1.06
C VAL A 117 23.23 3.37 0.45
N GLN A 118 23.19 2.24 1.15
CA GLN A 118 22.98 2.26 2.59
C GLN A 118 24.20 2.89 3.32
N GLN A 119 25.37 2.87 2.68
CA GLN A 119 26.59 3.48 3.23
C GLN A 119 26.50 5.00 3.32
N PHE A 120 25.68 5.63 2.48
CA PHE A 120 25.62 7.10 2.49
C PHE A 120 24.27 7.81 2.58
N ILE A 121 23.17 7.13 2.21
CA ILE A 121 21.85 7.75 2.31
C ILE A 121 21.64 8.17 3.75
N SER A 122 21.02 9.32 3.92
CA SER A 122 20.74 9.84 5.22
C SER A 122 19.24 10.06 5.26
N PRO A 123 18.68 10.25 6.46
CA PRO A 123 17.27 10.53 6.66
C PRO A 123 16.84 11.83 6.00
N GLU A 124 17.73 12.81 6.04
CA GLU A 124 17.44 14.11 5.47
C GLU A 124 17.20 13.96 3.97
N ASN A 125 17.91 13.05 3.33
CA ASN A 125 17.70 12.77 1.91
C ASN A 125 16.23 12.43 1.63
N LEU A 126 15.54 11.79 2.58
CA LEU A 126 14.15 11.41 2.34
C LEU A 126 13.17 12.25 3.13
N ASP A 127 13.66 13.33 3.74
CA ASP A 127 12.82 14.24 4.56
C ASP A 127 12.24 13.59 5.82
N ILE A 128 13.03 12.75 6.47
CA ILE A 128 12.63 12.13 7.75
C ILE A 128 13.60 12.53 8.88
N GLN A 129 13.07 12.77 10.08
CA GLN A 129 13.88 13.32 11.21
C GLN A 129 14.52 12.24 12.08
N PRO A 130 15.87 12.22 12.13
CA PRO A 130 16.59 11.19 12.90
C PRO A 130 16.69 11.41 14.44
N THR A 131 15.55 11.67 15.08
CA THR A 131 15.53 11.80 16.52
C THR A 131 15.67 10.42 17.18
N PHE A 132 16.01 10.44 18.46
CA PHE A 132 16.28 9.24 19.19
C PHE A 132 15.08 8.31 19.18
N GLN A 133 13.93 8.91 19.40
CA GLN A 133 12.64 8.27 19.29
C GLN A 133 12.42 7.58 17.94
N ASN A 134 12.60 8.33 16.85
CA ASN A 134 12.39 7.83 15.51
C ASN A 134 13.35 6.70 15.19
N GLU A 135 14.63 6.96 15.44
CA GLU A 135 15.68 6.00 15.17
C GLU A 135 15.49 4.66 15.86
N SER A 136 15.10 4.68 17.13
CA SER A 136 14.94 3.42 17.84
C SER A 136 13.82 2.57 17.26
N SER A 137 12.75 3.21 16.76
CA SER A 137 11.67 2.52 16.02
C SER A 137 12.13 2.07 14.65
N TRP A 138 12.85 2.93 13.93
CA TRP A 138 13.37 2.51 12.59
C TRP A 138 14.23 1.29 12.68
N LEU A 139 15.04 1.24 13.75
CA LEU A 139 15.95 0.11 13.96
C LEU A 139 15.19 -1.13 14.31
N LEU A 140 14.11 -0.97 15.07
CA LEU A 140 13.26 -2.13 15.37
C LEU A 140 12.51 -2.58 14.11
N ALA A 141 11.99 -1.62 13.34
CA ALA A 141 11.31 -1.96 12.08
C ALA A 141 12.27 -2.73 11.20
N GLN A 142 13.51 -2.27 11.13
CA GLN A 142 14.54 -2.92 10.34
C GLN A 142 14.79 -4.36 10.80
N LYS A 143 14.77 -4.58 12.11
CA LYS A 143 15.08 -5.90 12.64
C LYS A 143 13.94 -6.89 12.35
N GLU A 144 12.71 -6.41 12.44
CA GLU A 144 11.55 -7.22 12.10
C GLU A 144 11.57 -7.66 10.64
N LEU A 145 11.97 -6.74 9.75
CA LEU A 145 12.02 -6.99 8.32
C LEU A 145 13.11 -8.03 8.00
N GLN A 146 14.22 -7.94 8.72
CA GLN A 146 15.36 -8.84 8.50
C GLN A 146 15.10 -10.30 8.82
N LYS A 147 13.96 -10.60 9.46
CA LYS A 147 13.60 -12.00 9.78
C LYS A 147 12.96 -12.76 8.61
N ILE A 148 12.69 -12.06 7.52
CA ILE A 148 11.92 -12.63 6.39
C ILE A 148 12.54 -13.95 5.87
N ASN A 149 13.87 -14.01 5.88
CA ASN A 149 14.58 -15.21 5.49
C ASN A 149 14.71 -16.32 6.56
N MET A 150 14.03 -16.18 7.70
CA MET A 150 13.94 -17.29 8.65
C MET A 150 12.77 -18.23 8.35
N TYR A 151 11.91 -17.88 7.40
CA TYR A 151 10.65 -18.63 7.17
C TYR A 151 10.43 -19.04 5.73
N LYS A 152 9.68 -20.11 5.54
CA LYS A 152 9.29 -20.58 4.21
C LYS A 152 7.90 -20.10 3.81
N ALA A 153 6.96 -20.20 4.73
CA ALA A 153 5.56 -19.90 4.46
C ALA A 153 5.36 -18.42 4.07
N PRO A 154 4.58 -18.18 3.01
CA PRO A 154 4.23 -16.84 2.58
C PRO A 154 3.70 -16.01 3.76
N ARG A 155 2.89 -16.63 4.59
CA ARG A 155 2.30 -15.89 5.68
C ARG A 155 3.37 -15.45 6.68
N ASP A 156 4.32 -16.35 6.96
CA ASP A 156 5.37 -16.03 7.93
C ASP A 156 6.31 -14.97 7.37
N LYS A 157 6.69 -15.11 6.09
CA LYS A 157 7.47 -14.08 5.41
C LYS A 157 6.72 -12.75 5.48
N LEU A 158 5.42 -12.76 5.15
CA LEU A 158 4.62 -11.54 5.13
C LEU A 158 4.55 -10.86 6.50
N VAL A 159 4.40 -11.66 7.54
CA VAL A 159 4.32 -11.15 8.92
C VAL A 159 5.52 -10.28 9.30
N CYS A 160 6.71 -10.65 8.81
CA CYS A 160 7.92 -9.84 8.96
C CYS A 160 7.75 -8.44 8.37
N ILE A 161 7.17 -8.37 7.18
CA ILE A 161 6.85 -7.10 6.56
C ILE A 161 5.78 -6.35 7.40
N LEU A 162 4.72 -7.04 7.81
CA LEU A 162 3.61 -6.40 8.58
C LEU A 162 4.10 -5.89 9.94
N ASN A 163 4.93 -6.70 10.60
CA ASN A 163 5.55 -6.29 11.87
C ASN A 163 6.43 -5.08 11.71
N CYS A 164 7.22 -5.03 10.64
CA CYS A 164 8.04 -3.85 10.35
C CYS A 164 7.15 -2.64 10.10
N CYS A 165 6.08 -2.82 9.32
CA CYS A 165 5.16 -1.71 9.02
C CYS A 165 4.35 -1.26 10.23
N LYS A 166 3.99 -2.19 11.10
CA LYS A 166 3.32 -1.86 12.36
C LYS A 166 4.17 -0.98 13.29
N VAL A 167 5.46 -1.31 13.41
CA VAL A 167 6.37 -0.49 14.19
C VAL A 167 6.36 0.95 13.62
N ILE A 168 6.49 1.08 12.30
CA ILE A 168 6.44 2.39 11.68
C ILE A 168 5.07 3.05 11.90
N ASN A 169 3.99 2.28 11.70
CA ASN A 169 2.61 2.79 11.94
C ASN A 169 2.44 3.36 13.35
N ASN A 170 2.96 2.65 14.34
CA ASN A 170 2.77 3.06 15.72
C ASN A 170 3.61 4.26 16.08
N LEU A 171 4.81 4.36 15.51
CA LEU A 171 5.64 5.58 15.64
C LEU A 171 4.87 6.79 15.16
N LEU A 172 4.29 6.73 13.95
CA LEU A 172 3.56 7.85 13.41
C LEU A 172 2.29 8.16 14.19
N LEU A 173 1.60 7.13 14.64
CA LEU A 173 0.43 7.32 15.52
C LEU A 173 0.81 8.08 16.81
N ASN A 174 1.83 7.63 17.52
CA ASN A 174 2.25 8.34 18.73
C ASN A 174 2.75 9.74 18.49
N ALA A 175 3.35 9.98 17.33
CA ALA A 175 3.81 11.29 16.95
C ALA A 175 2.61 12.23 16.82
N SER A 176 1.50 11.71 16.28
CA SER A 176 0.27 12.48 16.09
C SER A 176 -0.44 12.91 17.39
N ILE A 177 -0.33 12.12 18.46
CA ILE A 177 -0.83 12.54 19.76
C ILE A 177 0.09 13.59 20.39
N ALA A 178 1.39 13.32 20.30
CA ALA A 178 2.45 14.11 20.92
C ALA A 178 2.67 15.50 20.31
N SER A 179 2.06 15.78 19.15
CA SER A 179 2.39 17.01 18.39
C SER A 179 1.20 17.87 17.99
N ASN A 180 1.52 19.11 17.60
CA ASN A 180 0.53 20.13 17.26
C ASN A 180 0.35 20.40 15.75
N GLU A 181 1.29 19.95 14.91
CA GLU A 181 1.05 19.97 13.45
C GLU A 181 0.27 18.75 13.02
N ASN A 182 -0.33 18.84 11.82
CA ASN A 182 -1.11 17.75 11.24
C ASN A 182 -0.19 16.62 10.80
N ALA A 183 -0.70 15.42 10.95
CA ALA A 183 0.03 14.20 10.67
C ALA A 183 0.36 14.10 9.17
N PRO A 184 1.63 13.80 8.84
CA PRO A 184 2.01 13.62 7.41
C PRO A 184 1.31 12.47 6.68
N GLY A 185 0.90 11.45 7.42
CA GLY A 185 0.39 10.24 6.80
C GLY A 185 1.44 9.53 5.94
N ALA A 186 1.02 9.08 4.76
CA ALA A 186 1.89 8.38 3.84
C ALA A 186 3.14 9.18 3.45
N ASP A 187 3.07 10.50 3.48
CA ASP A 187 4.23 11.34 3.19
C ASP A 187 5.39 11.07 4.13
N GLU A 188 5.09 10.58 5.34
CA GLU A 188 6.11 10.09 6.26
C GLU A 188 6.29 8.57 6.19
N PHE A 189 5.18 7.87 6.05
CA PHE A 189 5.20 6.43 6.11
C PHE A 189 6.09 5.79 5.04
N LEU A 190 5.96 6.22 3.79
CA LEU A 190 6.71 5.60 2.72
C LEU A 190 8.21 5.80 2.80
N PRO A 191 8.68 7.06 2.92
CA PRO A 191 10.15 7.24 2.98
C PRO A 191 10.78 6.55 4.19
N VAL A 192 10.09 6.53 5.33
CA VAL A 192 10.62 5.75 6.46
C VAL A 192 10.76 4.27 6.06
N LEU A 193 9.74 3.73 5.38
CA LEU A 193 9.86 2.36 4.92
C LEU A 193 11.00 2.17 3.93
N ILE A 194 11.24 3.18 3.08
CA ILE A 194 12.30 3.12 2.07
C ILE A 194 13.65 3.13 2.80
N TYR A 195 13.76 4.00 3.79
CA TYR A 195 14.96 4.08 4.59
C TYR A 195 15.27 2.80 5.36
N VAL A 196 14.25 2.28 6.06
CA VAL A 196 14.33 1.01 6.78
C VAL A 196 14.74 -0.15 5.88
N THR A 197 14.21 -0.19 4.65
CA THR A 197 14.46 -1.32 3.73
C THR A 197 15.90 -1.22 3.24
N ILE A 198 16.34 -0.01 2.88
CA ILE A 198 17.74 0.24 2.46
C ILE A 198 18.72 -0.15 3.54
N LYS A 199 18.44 0.24 4.78
CA LYS A 199 19.25 -0.14 5.95
C LYS A 199 19.21 -1.64 6.25
N ALA A 200 18.04 -2.28 6.13
CA ALA A 200 17.92 -3.73 6.36
C ALA A 200 18.64 -4.53 5.29
N ASN A 201 18.52 -4.09 4.03
CA ASN A 201 18.97 -4.84 2.85
C ASN A 201 18.80 -6.39 2.97
N PRO A 202 17.56 -6.87 3.17
CA PRO A 202 17.35 -8.29 3.39
C PRO A 202 17.76 -9.10 2.16
N PRO A 203 18.61 -10.15 2.32
CA PRO A 203 18.97 -10.94 1.14
C PRO A 203 17.74 -11.46 0.40
N GLN A 204 17.81 -11.46 -0.93
CA GLN A 204 16.77 -12.05 -1.77
C GLN A 204 15.43 -11.31 -1.64
N LEU A 205 15.46 -9.99 -1.45
CA LEU A 205 14.20 -9.27 -1.28
C LEU A 205 13.28 -9.38 -2.48
N HIS A 206 13.84 -9.29 -3.68
CA HIS A 206 13.02 -9.31 -4.88
C HIS A 206 12.22 -10.63 -4.95
N SER A 207 12.90 -11.74 -4.70
CA SER A 207 12.30 -13.08 -4.75
C SER A 207 11.36 -13.30 -3.58
N ASN A 208 11.68 -12.74 -2.41
CA ASN A 208 10.75 -12.79 -1.27
C ASN A 208 9.41 -12.13 -1.55
N LEU A 209 9.45 -10.97 -2.20
CA LEU A 209 8.22 -10.24 -2.51
C LEU A 209 7.37 -10.91 -3.59
N LEU A 210 8.00 -11.38 -4.64
CA LEU A 210 7.30 -12.13 -5.68
C LEU A 210 6.67 -13.41 -5.13
N TYR A 211 7.41 -14.12 -4.28
CA TYR A 211 6.91 -15.37 -3.66
C TYR A 211 5.66 -15.09 -2.83
N ILE A 212 5.69 -14.03 -2.02
CA ILE A 212 4.48 -13.70 -1.24
C ILE A 212 3.33 -13.34 -2.16
N GLN A 213 3.63 -12.59 -3.21
CA GLN A 213 2.59 -12.15 -4.12
C GLN A 213 1.96 -13.34 -4.84
N ARG A 214 2.78 -14.32 -5.21
CA ARG A 214 2.30 -15.50 -5.89
C ARG A 214 1.62 -16.48 -4.98
N TYR A 215 2.13 -16.64 -3.77
CA TYR A 215 1.71 -17.80 -2.98
C TYR A 215 0.95 -17.54 -1.71
N ARG A 216 0.91 -16.29 -1.24
CA ARG A 216 0.00 -15.95 -0.16
C ARG A 216 -1.40 -16.05 -0.76
N ARG A 217 -2.28 -16.82 -0.12
CA ARG A 217 -3.58 -16.98 -0.76
C ARG A 217 -4.28 -15.64 -0.92
N GLU A 218 -4.85 -15.48 -2.10
CA GLU A 218 -5.28 -14.21 -2.66
C GLU A 218 -6.33 -13.56 -1.74
N SER A 219 -7.21 -14.38 -1.17
CA SER A 219 -8.28 -13.89 -0.29
C SER A 219 -7.73 -13.16 0.96
N LYS A 220 -6.47 -13.43 1.32
CA LYS A 220 -5.83 -12.79 2.46
C LYS A 220 -4.95 -11.55 2.14
N LEU A 221 -4.62 -11.35 0.87
CA LEU A 221 -3.77 -10.20 0.49
C LEU A 221 -4.66 -9.02 0.12
N VAL A 222 -5.33 -8.49 1.13
CA VAL A 222 -6.34 -7.43 1.01
C VAL A 222 -6.22 -6.50 2.22
N GLY A 223 -6.93 -5.38 2.19
CA GLY A 223 -7.00 -4.49 3.35
C GLY A 223 -5.64 -3.93 3.76
N GLU A 224 -5.41 -3.91 5.07
CA GLU A 224 -4.20 -3.29 5.58
C GLU A 224 -2.97 -4.08 5.15
N ALA A 225 -3.08 -5.42 5.19
CA ALA A 225 -1.97 -6.24 4.76
C ALA A 225 -1.59 -5.90 3.33
N ALA A 226 -2.57 -5.64 2.46
CA ALA A 226 -2.24 -5.29 1.05
C ALA A 226 -1.64 -3.90 0.97
N TYR A 227 -2.11 -2.99 1.81
CA TYR A 227 -1.54 -1.64 1.83
C TYR A 227 -0.06 -1.71 2.26
N PHE A 228 0.23 -2.46 3.32
CA PHE A 228 1.61 -2.63 3.79
C PHE A 228 2.45 -3.34 2.76
N PHE A 229 1.93 -4.41 2.18
CA PHE A 229 2.69 -5.16 1.20
C PHE A 229 3.02 -4.35 -0.06
N THR A 230 2.03 -3.63 -0.61
CA THR A 230 2.24 -2.77 -1.77
C THR A 230 3.26 -1.69 -1.45
N ASN A 231 3.26 -1.22 -0.20
CA ASN A 231 4.21 -0.21 0.17
C ASN A 231 5.64 -0.68 0.07
N ILE A 232 5.92 -1.92 0.51
CA ILE A 232 7.27 -2.45 0.36
C ILE A 232 7.60 -2.78 -1.11
N LEU A 233 6.60 -3.26 -1.85
CA LEU A 233 6.76 -3.45 -3.27
C LEU A 233 7.18 -2.12 -3.92
N SER A 234 6.51 -1.04 -3.55
CA SER A 234 6.83 0.27 -4.11
C SER A 234 8.19 0.79 -3.64
N ALA A 235 8.58 0.44 -2.40
CA ALA A 235 9.91 0.73 -1.93
C ALA A 235 11.00 0.02 -2.74
N GLU A 236 10.80 -1.26 -3.07
CA GLU A 236 11.73 -2.01 -3.95
C GLU A 236 11.91 -1.30 -5.30
N SER A 237 10.80 -0.91 -5.91
CA SER A 237 10.85 -0.20 -7.17
C SER A 237 11.65 1.12 -7.07
N PHE A 238 11.36 1.93 -6.04
CA PHE A 238 12.05 3.18 -5.84
C PHE A 238 13.55 2.91 -5.62
N ILE A 239 13.86 1.95 -4.76
CA ILE A 239 15.24 1.70 -4.33
C ILE A 239 16.04 1.24 -5.53
N SER A 240 15.45 0.34 -6.30
CA SER A 240 16.06 -0.17 -7.49
C SER A 240 16.32 0.96 -8.49
N ASN A 241 15.47 1.98 -8.48
CA ASN A 241 15.64 3.08 -9.41
C ASN A 241 16.38 4.32 -8.86
N ILE A 242 16.96 4.22 -7.67
CA ILE A 242 17.57 5.37 -7.02
C ILE A 242 18.67 6.04 -7.88
N ASP A 243 18.60 7.35 -8.03
CA ASP A 243 19.71 8.13 -8.58
C ASP A 243 19.87 9.41 -7.75
N ALA A 244 20.78 10.29 -8.17
CA ALA A 244 21.14 11.48 -7.40
C ALA A 244 19.89 12.27 -7.08
N LYS A 245 19.10 12.56 -8.12
CA LYS A 245 17.88 13.38 -8.01
C LYS A 245 16.83 12.80 -7.03
N SER A 246 16.61 11.48 -7.07
CA SER A 246 15.55 10.88 -6.26
C SER A 246 15.87 10.88 -4.76
N ILE A 247 17.15 11.00 -4.41
CA ILE A 247 17.56 11.14 -3.01
C ILE A 247 18.11 12.54 -2.70
N SER A 248 17.63 13.54 -3.41
CA SER A 248 17.96 14.96 -3.17
C SER A 248 19.46 15.24 -3.11
N LEU A 249 20.22 14.68 -4.03
CA LEU A 249 21.66 14.90 -4.08
C LEU A 249 22.00 15.41 -5.45
N ASP A 250 23.03 16.24 -5.58
CA ASP A 250 23.43 16.54 -6.95
C ASP A 250 24.36 15.46 -7.49
N GLU A 251 24.40 15.40 -8.81
CA GLU A 251 25.05 14.37 -9.58
C GLU A 251 26.44 14.00 -9.08
N ALA A 252 27.29 15.03 -8.95
CA ALA A 252 28.69 14.87 -8.59
C ALA A 252 28.87 14.29 -7.19
N GLU A 253 28.06 14.76 -6.23
CA GLU A 253 28.09 14.19 -4.87
C GLU A 253 27.67 12.69 -4.84
N PHE A 254 26.55 12.39 -5.51
CA PHE A 254 26.08 11.02 -5.64
C PHE A 254 27.17 10.11 -6.21
N GLU A 255 27.81 10.56 -7.31
CA GLU A 255 28.88 9.76 -7.96
C GLU A 255 30.07 9.53 -7.05
N LYS A 256 30.52 10.60 -6.38
CA LYS A 256 31.53 10.52 -5.30
C LYS A 256 31.15 9.46 -4.22
N ASN A 257 29.93 9.55 -3.69
CA ASN A 257 29.43 8.58 -2.68
C ASN A 257 29.39 7.13 -3.17
N MET A 258 28.80 6.91 -4.34
CA MET A 258 28.75 5.58 -4.94
C MET A 258 30.18 5.07 -5.12
N GLU A 259 31.07 5.94 -5.62
CA GLU A 259 32.50 5.58 -5.72
C GLU A 259 33.12 5.21 -4.38
N SER A 260 32.87 6.02 -3.35
CA SER A 260 33.32 5.72 -1.98
C SER A 260 32.75 4.39 -1.49
N ALA A 261 31.47 4.15 -1.81
CA ALA A 261 30.80 2.94 -1.37
C ALA A 261 31.39 1.71 -2.08
N ARG A 262 31.66 1.84 -3.38
CA ARG A 262 32.23 0.75 -4.19
C ARG A 262 33.60 0.26 -3.70
N ALA A 263 34.47 1.20 -3.31
CA ALA A 263 35.77 0.88 -2.72
C ALA A 263 35.60 0.15 -1.40
N ARG A 264 34.35 0.03 -0.95
CA ARG A 264 33.97 -0.58 0.34
C ARG A 264 34.50 0.19 1.55
N SER B 10 -19.88 -7.20 3.64
CA SER B 10 -20.01 -7.84 2.28
C SER B 10 -19.20 -7.12 1.18
N ILE B 11 -19.43 -5.82 1.02
CA ILE B 11 -18.84 -5.07 -0.08
C ILE B 11 -17.56 -4.35 0.40
N ASN B 12 -16.41 -4.85 -0.02
CA ASN B 12 -15.12 -4.22 0.27
C ASN B 12 -14.70 -3.34 -0.89
N ALA B 13 -14.34 -2.09 -0.63
CA ALA B 13 -14.02 -1.16 -1.72
C ALA B 13 -12.71 -0.40 -1.53
N LYS B 14 -11.69 -0.80 -2.29
CA LYS B 14 -10.36 -0.13 -2.25
C LYS B 14 -10.47 1.27 -2.85
N LEU B 15 -10.11 2.29 -2.09
CA LEU B 15 -10.20 3.68 -2.53
C LEU B 15 -8.84 4.31 -2.30
N VAL B 16 -8.29 4.92 -3.35
CA VAL B 16 -6.96 5.54 -3.31
C VAL B 16 -7.07 7.08 -3.31
N LEU B 17 -6.31 7.71 -2.43
CA LEU B 17 -6.26 9.16 -2.36
C LEU B 17 -5.09 9.65 -3.19
N LEU B 18 -5.34 10.54 -4.12
CA LEU B 18 -4.28 11.07 -4.98
C LEU B 18 -4.36 12.58 -4.98
N GLY B 19 -3.23 13.25 -5.09
CA GLY B 19 -3.21 14.72 -5.15
C GLY B 19 -1.84 15.24 -4.76
N ASP B 20 -1.52 16.48 -5.14
CA ASP B 20 -0.17 16.96 -4.80
C ASP B 20 0.00 17.34 -3.35
N VAL B 21 1.27 17.59 -2.97
CA VAL B 21 1.63 17.96 -1.62
C VAL B 21 0.74 19.13 -1.15
N GLY B 22 0.15 18.98 0.04
CA GLY B 22 -0.63 20.05 0.64
C GLY B 22 -2.07 20.18 0.18
N ALA B 23 -2.55 19.28 -0.67
CA ALA B 23 -3.93 19.38 -1.19
C ALA B 23 -4.93 19.05 -0.10
N GLY B 24 -4.55 18.08 0.72
CA GLY B 24 -5.45 17.67 1.81
C GLY B 24 -5.73 16.19 1.91
N LYS B 25 -4.92 15.35 1.25
CA LYS B 25 -5.17 13.90 1.28
C LYS B 25 -5.34 13.38 2.71
N SER B 26 -4.28 13.47 3.52
CA SER B 26 -4.28 12.89 4.86
C SER B 26 -5.37 13.49 5.73
N SER B 27 -5.59 14.81 5.60
CA SER B 27 -6.62 15.50 6.36
C SER B 27 -8.02 15.06 6.02
N LEU B 28 -8.29 14.89 4.73
CA LEU B 28 -9.61 14.45 4.29
C LEU B 28 -10.04 13.13 4.94
N VAL B 29 -9.17 12.13 4.87
CA VAL B 29 -9.54 10.82 5.37
C VAL B 29 -9.64 10.87 6.91
N LEU B 30 -8.78 11.66 7.55
CA LEU B 30 -8.87 11.82 8.99
C LEU B 30 -10.25 12.39 9.40
N ARG B 31 -10.65 13.48 8.76
CA ARG B 31 -11.96 14.06 9.00
C ARG B 31 -13.08 13.05 8.82
N PHE B 32 -13.03 12.29 7.73
CA PHE B 32 -14.03 11.29 7.40
C PHE B 32 -14.19 10.28 8.50
N VAL B 33 -13.08 9.62 8.84
CA VAL B 33 -13.08 8.57 9.82
C VAL B 33 -13.41 9.08 11.24
N LYS B 34 -12.97 10.30 11.56
CA LYS B 34 -13.23 10.86 12.91
C LYS B 34 -14.73 11.10 13.07
N ASP B 35 -15.35 11.78 12.11
CA ASP B 35 -16.80 12.00 12.10
C ASP B 35 -17.65 10.71 12.08
N GLN B 36 -17.14 9.64 11.46
CA GLN B 36 -17.88 8.37 11.37
C GLN B 36 -17.80 7.54 12.64
N PHE B 37 -16.93 7.95 13.56
CA PHE B 37 -16.77 7.21 14.83
C PHE B 37 -18.10 6.98 15.56
N VAL B 38 -18.95 8.00 15.50
CA VAL B 38 -20.25 8.05 16.14
C VAL B 38 -21.24 6.98 15.62
N GLU B 39 -20.99 6.44 14.44
CA GLU B 39 -21.89 5.46 13.81
C GLU B 39 -21.61 4.07 14.32
N PHE B 40 -20.49 3.92 15.03
CA PHE B 40 -20.07 2.65 15.61
C PHE B 40 -20.11 1.47 14.63
N GLN B 41 -19.48 1.70 13.48
CA GLN B 41 -19.30 0.68 12.47
C GLN B 41 -17.86 0.16 12.56
N GLU B 42 -17.61 -0.96 11.89
CA GLU B 42 -16.26 -1.49 11.74
C GLU B 42 -15.31 -0.44 11.19
N SER B 43 -14.12 -0.36 11.76
CA SER B 43 -13.15 0.59 11.29
C SER B 43 -11.76 0.19 11.73
N THR B 44 -10.77 0.68 10.97
CA THR B 44 -9.37 0.54 11.30
C THR B 44 -8.74 1.93 11.17
N ILE B 45 -8.03 2.36 12.22
CA ILE B 45 -7.32 3.62 12.21
C ILE B 45 -5.83 3.32 12.17
N GLY B 46 -5.16 3.77 11.12
CA GLY B 46 -3.72 3.66 11.00
C GLY B 46 -3.20 5.05 10.66
N ALA B 47 -1.91 5.15 10.45
CA ALA B 47 -1.28 6.40 10.09
C ALA B 47 -1.46 6.71 8.59
N ALA B 48 -1.55 5.67 7.75
CA ALA B 48 -1.56 5.85 6.29
C ALA B 48 -2.59 4.98 5.57
N PHE B 49 -3.28 4.15 6.33
CA PHE B 49 -4.36 3.31 5.85
C PHE B 49 -5.46 3.34 6.88
N PHE B 50 -6.70 3.45 6.41
CA PHE B 50 -7.88 3.39 7.28
C PHE B 50 -8.89 2.48 6.62
N SER B 51 -9.68 1.77 7.41
CA SER B 51 -10.88 1.19 6.84
C SER B 51 -12.09 1.73 7.57
N GLN B 52 -13.19 1.88 6.85
CA GLN B 52 -14.40 2.49 7.37
C GLN B 52 -15.63 1.99 6.62
N THR B 53 -16.52 1.33 7.35
CA THR B 53 -17.79 0.84 6.82
C THR B 53 -18.83 1.95 6.90
N LEU B 54 -19.46 2.26 5.77
CA LEU B 54 -20.46 3.33 5.67
C LEU B 54 -21.83 2.77 5.29
N ALA B 55 -22.84 3.06 6.12
CA ALA B 55 -24.23 2.72 5.78
C ALA B 55 -24.75 3.69 4.72
N VAL B 56 -24.99 3.14 3.54
CA VAL B 56 -25.54 3.89 2.42
C VAL B 56 -26.66 3.02 1.95
N ASN B 57 -27.82 3.62 1.64
CA ASN B 57 -29.08 2.87 1.69
C ASN B 57 -29.38 1.76 0.64
N ASP B 58 -29.41 0.51 1.12
CA ASP B 58 -28.76 0.14 2.38
C ASP B 58 -28.10 -1.24 2.34
N ALA B 59 -26.78 -1.20 2.33
CA ALA B 59 -25.92 -2.37 2.50
C ALA B 59 -24.61 -1.91 3.15
N THR B 60 -23.71 -2.87 3.38
CA THR B 60 -22.41 -2.54 3.97
C THR B 60 -21.41 -2.18 2.86
N VAL B 61 -20.93 -0.94 2.88
CA VAL B 61 -19.71 -0.62 2.14
C VAL B 61 -18.56 -0.42 3.11
N LYS B 62 -17.53 -1.26 2.98
CA LYS B 62 -16.31 -1.17 3.75
C LYS B 62 -15.24 -0.50 2.89
N PHE B 63 -14.99 0.78 3.14
CA PHE B 63 -13.92 1.52 2.44
C PHE B 63 -12.55 1.18 3.00
N GLU B 64 -11.64 0.79 2.10
CA GLU B 64 -10.26 0.52 2.44
C GLU B 64 -9.46 1.64 1.80
N ILE B 65 -9.09 2.60 2.65
CA ILE B 65 -8.63 3.90 2.16
C ILE B 65 -7.12 4.03 2.22
N TRP B 66 -6.50 4.24 1.05
CA TRP B 66 -5.04 4.21 0.89
C TRP B 66 -4.53 5.64 0.76
N ASP B 67 -3.81 6.10 1.76
CA ASP B 67 -3.15 7.39 1.66
C ASP B 67 -1.89 7.21 0.79
N THR B 68 -1.51 8.25 0.04
CA THR B 68 -0.29 8.19 -0.77
C THR B 68 0.66 9.37 -0.51
N ALA B 69 1.95 9.14 -0.74
CA ALA B 69 2.96 10.17 -0.56
C ALA B 69 2.92 11.04 -1.80
N GLY B 70 2.63 12.33 -1.60
CA GLY B 70 2.39 13.26 -2.68
C GLY B 70 3.62 13.83 -3.36
N GLN B 71 4.80 13.65 -2.77
CA GLN B 71 6.01 14.16 -3.40
C GLN B 71 6.22 13.59 -4.81
N GLU B 72 6.67 14.46 -5.70
CA GLU B 72 6.73 14.17 -7.14
C GLU B 72 7.74 13.06 -7.45
N ARG B 73 8.77 12.94 -6.62
CA ARG B 73 9.69 11.79 -6.70
C ARG B 73 9.06 10.38 -6.48
N TYR B 74 7.85 10.34 -5.90
CA TYR B 74 7.14 9.05 -5.71
C TYR B 74 6.04 8.81 -6.76
N HIS B 75 5.98 9.69 -7.74
CA HIS B 75 4.87 9.69 -8.69
C HIS B 75 4.76 8.38 -9.43
N SER B 76 5.91 7.87 -9.84
CA SER B 76 5.98 6.69 -10.70
C SER B 76 5.56 5.42 -9.93
N LEU B 77 5.38 5.52 -8.63
CA LEU B 77 4.93 4.41 -7.82
C LEU B 77 3.39 4.30 -7.78
N ALA B 78 2.71 5.40 -8.12
CA ALA B 78 1.26 5.48 -7.99
C ALA B 78 0.48 4.31 -8.60
N PRO B 79 0.85 3.85 -9.82
CA PRO B 79 0.19 2.71 -10.45
C PRO B 79 0.10 1.50 -9.55
N MET B 80 1.10 1.30 -8.69
CA MET B 80 1.09 0.19 -7.77
C MET B 80 -0.02 0.35 -6.73
N TYR B 81 -0.32 1.59 -6.38
CA TYR B 81 -1.39 1.87 -5.45
C TYR B 81 -2.77 1.80 -6.08
N TYR B 82 -2.95 2.30 -7.30
CA TYR B 82 -4.32 2.37 -7.80
C TYR B 82 -4.75 1.13 -8.60
N ARG B 83 -3.81 0.22 -8.74
CA ARG B 83 -4.06 -1.16 -9.17
C ARG B 83 -5.20 -1.78 -8.38
N GLY B 84 -6.23 -2.17 -9.10
CA GLY B 84 -7.38 -2.86 -8.51
C GLY B 84 -8.30 -1.95 -7.72
N ALA B 85 -8.04 -0.65 -7.73
CA ALA B 85 -8.82 0.25 -6.93
C ALA B 85 -10.27 0.27 -7.44
N ALA B 86 -11.20 0.21 -6.49
CA ALA B 86 -12.61 0.42 -6.78
C ALA B 86 -12.94 1.90 -6.99
N ALA B 87 -12.14 2.78 -6.41
CA ALA B 87 -12.44 4.20 -6.38
C ALA B 87 -11.20 5.02 -6.12
N ALA B 88 -11.24 6.29 -6.52
CA ALA B 88 -10.13 7.20 -6.28
C ALA B 88 -10.71 8.54 -5.96
N ILE B 89 -10.15 9.23 -4.98
CA ILE B 89 -10.44 10.66 -4.83
C ILE B 89 -9.18 11.42 -5.19
N ILE B 90 -9.30 12.27 -6.20
CA ILE B 90 -8.21 13.15 -6.60
C ILE B 90 -8.43 14.49 -5.90
N VAL B 91 -7.56 14.79 -4.96
CA VAL B 91 -7.72 15.97 -4.13
C VAL B 91 -6.87 17.09 -4.74
N PHE B 92 -7.45 18.30 -4.80
CA PHE B 92 -6.72 19.55 -4.99
C PHE B 92 -7.19 20.66 -4.03
N ASP B 93 -6.31 21.65 -3.88
CA ASP B 93 -6.51 22.81 -3.01
C ASP B 93 -7.12 23.95 -3.87
N VAL B 94 -8.37 24.32 -3.60
CA VAL B 94 -9.04 25.32 -4.43
C VAL B 94 -8.35 26.67 -4.44
N THR B 95 -7.50 26.92 -3.44
CA THR B 95 -6.73 28.17 -3.37
C THR B 95 -5.39 28.09 -4.14
N ASN B 96 -5.18 27.01 -4.89
CA ASN B 96 -3.90 26.81 -5.59
C ASN B 96 -4.10 26.26 -6.99
N GLN B 97 -3.88 27.12 -7.98
CA GLN B 97 -4.07 26.81 -9.37
C GLN B 97 -3.24 25.61 -9.80
N ALA B 98 -1.98 25.56 -9.39
CA ALA B 98 -1.07 24.47 -9.70
C ALA B 98 -1.55 23.09 -9.21
N SER B 99 -2.18 23.08 -8.03
CA SER B 99 -2.76 21.88 -7.43
C SER B 99 -3.89 21.34 -8.27
N PHE B 100 -4.72 22.25 -8.76
CA PHE B 100 -5.79 21.91 -9.71
C PHE B 100 -5.20 21.36 -11.02
N GLU B 101 -4.14 21.98 -11.53
CA GLU B 101 -3.48 21.45 -12.72
C GLU B 101 -2.94 20.04 -12.47
N ARG B 102 -2.29 19.84 -11.32
CA ARG B 102 -1.78 18.51 -10.95
C ARG B 102 -2.89 17.43 -10.89
N ALA B 103 -4.06 17.83 -10.37
CA ALA B 103 -5.26 17.01 -10.29
C ALA B 103 -5.80 16.59 -11.66
N LYS B 104 -5.72 17.50 -12.62
CA LYS B 104 -6.06 17.20 -14.02
C LYS B 104 -5.20 16.06 -14.57
N LYS B 105 -3.89 16.13 -14.34
CA LYS B 105 -2.99 15.06 -14.77
C LYS B 105 -3.29 13.72 -14.07
N TRP B 106 -3.70 13.76 -12.80
CA TRP B 106 -4.05 12.50 -12.11
C TRP B 106 -5.26 11.85 -12.79
N VAL B 107 -6.26 12.67 -13.10
CA VAL B 107 -7.43 12.23 -13.86
C VAL B 107 -7.10 11.60 -15.21
N GLN B 108 -6.35 12.33 -16.05
CA GLN B 108 -5.86 11.80 -17.35
C GLN B 108 -5.16 10.45 -17.16
N GLU B 109 -4.22 10.41 -16.22
CA GLU B 109 -3.50 9.17 -15.91
C GLU B 109 -4.43 8.04 -15.51
N LEU B 110 -5.35 8.30 -14.59
CA LEU B 110 -6.25 7.26 -14.17
C LEU B 110 -7.18 6.78 -15.31
N GLN B 111 -7.69 7.72 -16.11
CA GLN B 111 -8.47 7.39 -17.30
C GLN B 111 -7.69 6.46 -18.24
N ALA B 112 -6.38 6.68 -18.37
CA ALA B 112 -5.56 5.93 -19.32
C ALA B 112 -5.10 4.58 -18.80
N GLN B 113 -4.92 4.47 -17.47
CA GLN B 113 -4.24 3.35 -16.85
C GLN B 113 -5.03 2.65 -15.73
N GLY B 114 -6.09 3.29 -15.22
CA GLY B 114 -6.87 2.69 -14.12
C GLY B 114 -7.90 1.69 -14.65
N ASN B 115 -8.39 0.81 -13.78
CA ASN B 115 -9.51 -0.08 -14.13
C ASN B 115 -10.62 0.77 -14.73
N PRO B 116 -11.23 0.29 -15.84
CA PRO B 116 -12.42 0.91 -16.44
C PRO B 116 -13.57 1.12 -15.44
N ASN B 117 -13.69 0.26 -14.44
CA ASN B 117 -14.77 0.33 -13.46
C ASN B 117 -14.53 1.34 -12.31
N MET B 118 -13.32 1.85 -12.18
CA MET B 118 -12.98 2.72 -11.04
C MET B 118 -13.90 3.94 -10.95
N VAL B 119 -14.47 4.16 -9.77
CA VAL B 119 -15.26 5.36 -9.57
C VAL B 119 -14.33 6.50 -9.20
N MET B 120 -14.41 7.61 -9.93
CA MET B 120 -13.55 8.74 -9.66
C MET B 120 -14.30 9.96 -9.08
N ALA B 121 -13.69 10.56 -8.06
CA ALA B 121 -14.24 11.77 -7.48
C ALA B 121 -13.17 12.90 -7.47
N LEU B 122 -13.57 14.13 -7.81
CA LEU B 122 -12.67 15.27 -7.72
C LEU B 122 -13.02 16.11 -6.51
N ALA B 123 -12.09 16.21 -5.57
CA ALA B 123 -12.37 16.97 -4.36
C ALA B 123 -11.66 18.32 -4.40
N GLY B 124 -12.46 19.38 -4.54
CA GLY B 124 -11.96 20.74 -4.37
C GLY B 124 -11.90 21.04 -2.88
N ASN B 125 -10.77 20.73 -2.28
CA ASN B 125 -10.61 20.87 -0.83
C ASN B 125 -10.27 22.31 -0.38
N LYS B 126 -10.30 22.54 0.93
CA LYS B 126 -10.14 23.88 1.54
C LYS B 126 -11.15 24.87 0.96
N SER B 127 -12.39 24.42 0.76
CA SER B 127 -13.44 25.32 0.26
C SER B 127 -13.79 26.39 1.32
N ASP B 128 -13.32 26.17 2.55
CA ASP B 128 -13.62 27.06 3.66
C ASP B 128 -12.78 28.35 3.59
N LEU B 129 -11.70 28.33 2.79
CA LEU B 129 -10.83 29.51 2.62
C LEU B 129 -11.38 30.44 1.53
N LEU B 130 -12.47 31.13 1.87
CA LEU B 130 -13.29 31.89 0.91
C LEU B 130 -12.51 32.97 0.15
N ASP B 131 -11.76 33.76 0.91
CA ASP B 131 -11.01 34.89 0.38
C ASP B 131 -9.87 34.44 -0.55
N ALA B 132 -9.40 33.21 -0.37
CA ALA B 132 -8.21 32.73 -1.10
C ALA B 132 -8.50 31.87 -2.33
N ARG B 133 -9.73 31.43 -2.52
CA ARG B 133 -10.07 30.55 -3.64
C ARG B 133 -9.59 31.10 -4.99
N LYS B 134 -8.91 30.26 -5.78
CA LYS B 134 -8.44 30.64 -7.12
C LYS B 134 -9.09 29.78 -8.22
N VAL B 135 -9.55 28.59 -7.84
CA VAL B 135 -10.25 27.70 -8.78
C VAL B 135 -11.74 27.76 -8.49
N THR B 136 -12.54 28.03 -9.51
CA THR B 136 -13.99 28.15 -9.33
C THR B 136 -14.69 26.80 -9.41
N ALA B 137 -15.86 26.72 -8.77
CA ALA B 137 -16.71 25.53 -8.85
C ALA B 137 -17.01 25.14 -10.28
N GLU B 138 -17.37 26.12 -11.10
CA GLU B 138 -17.78 25.85 -12.49
C GLU B 138 -16.62 25.32 -13.35
N ASP B 139 -15.44 25.93 -13.22
CA ASP B 139 -14.26 25.44 -13.94
C ASP B 139 -13.83 24.02 -13.50
N ALA B 140 -14.11 23.70 -12.24
CA ALA B 140 -13.86 22.36 -11.71
C ALA B 140 -15.01 21.39 -12.05
N GLN B 141 -16.25 21.91 -12.08
CA GLN B 141 -17.43 21.14 -12.47
C GLN B 141 -17.46 20.83 -13.97
N THR B 142 -17.16 21.83 -14.79
CA THR B 142 -17.02 21.59 -16.23
C THR B 142 -16.00 20.47 -16.49
N TYR B 143 -14.81 20.61 -15.92
CA TYR B 143 -13.75 19.61 -16.10
C TYR B 143 -14.21 18.21 -15.68
N ALA B 144 -14.94 18.11 -14.57
CA ALA B 144 -15.47 16.85 -14.10
C ALA B 144 -16.44 16.25 -15.12
N GLN B 145 -17.38 17.07 -15.60
CA GLN B 145 -18.36 16.64 -16.62
C GLN B 145 -17.71 16.06 -17.87
N GLU B 146 -16.72 16.76 -18.42
CA GLU B 146 -16.09 16.33 -19.65
C GLU B 146 -15.37 14.97 -19.51
N ASN B 147 -14.84 14.67 -18.33
CA ASN B 147 -14.04 13.45 -18.17
C ASN B 147 -14.72 12.33 -17.35
N GLY B 148 -16.03 12.43 -17.21
CA GLY B 148 -16.85 11.33 -16.66
C GLY B 148 -16.73 11.07 -15.17
N LEU B 149 -16.23 12.04 -14.42
CA LEU B 149 -16.21 11.97 -12.97
C LEU B 149 -17.11 13.05 -12.35
N PHE B 150 -17.23 13.05 -11.03
CA PHE B 150 -17.98 14.12 -10.36
C PHE B 150 -17.08 14.97 -9.50
N PHE B 151 -17.53 16.20 -9.25
CA PHE B 151 -16.78 17.17 -8.48
C PHE B 151 -17.55 17.51 -7.22
N MET B 152 -16.82 17.60 -6.11
CA MET B 152 -17.42 18.03 -4.85
C MET B 152 -16.40 18.88 -4.09
N GLU B 153 -16.82 20.08 -3.70
CA GLU B 153 -16.05 20.98 -2.85
C GLU B 153 -16.04 20.45 -1.46
N THR B 154 -14.86 20.30 -0.87
CA THR B 154 -14.78 19.73 0.48
C THR B 154 -13.99 20.65 1.38
N SER B 155 -14.19 20.47 2.68
CA SER B 155 -13.29 21.05 3.65
C SER B 155 -13.00 20.06 4.77
N ALA B 156 -11.80 19.48 4.76
CA ALA B 156 -11.38 18.63 5.87
C ALA B 156 -11.51 19.37 7.22
N LYS B 157 -11.29 20.68 7.18
CA LYS B 157 -11.34 21.52 8.37
C LYS B 157 -12.75 21.69 8.92
N THR B 158 -13.71 22.10 8.10
CA THR B 158 -15.06 22.29 8.64
C THR B 158 -15.98 21.06 8.53
N ALA B 159 -15.54 20.07 7.77
CA ALA B 159 -16.25 18.80 7.51
C ALA B 159 -17.17 18.90 6.30
N THR B 160 -17.18 20.05 5.67
CA THR B 160 -18.10 20.33 4.57
C THR B 160 -17.92 19.32 3.44
N ASN B 161 -18.98 18.55 3.16
CA ASN B 161 -19.02 17.58 2.04
C ASN B 161 -18.09 16.37 2.16
N VAL B 162 -17.48 16.20 3.33
CA VAL B 162 -16.51 15.13 3.57
C VAL B 162 -17.22 13.78 3.61
N LYS B 163 -18.20 13.66 4.50
CA LYS B 163 -19.09 12.50 4.52
C LYS B 163 -19.72 12.29 3.15
N GLU B 164 -20.08 13.40 2.50
CA GLU B 164 -20.88 13.37 1.28
C GLU B 164 -20.11 12.85 0.08
N ILE B 165 -18.84 13.22 -0.04
CA ILE B 165 -17.99 12.65 -1.12
C ILE B 165 -17.86 11.12 -1.05
N PHE B 166 -17.60 10.55 0.14
CA PHE B 166 -17.48 9.11 0.31
C PHE B 166 -18.82 8.39 0.08
N TYR B 167 -19.90 8.97 0.60
CA TYR B 167 -21.27 8.51 0.39
C TYR B 167 -21.61 8.45 -1.10
N GLU B 168 -21.32 9.53 -1.81
CA GLU B 168 -21.58 9.65 -3.24
C GLU B 168 -20.80 8.64 -4.09
N ILE B 169 -19.57 8.32 -3.68
CA ILE B 169 -18.79 7.30 -4.37
C ILE B 169 -19.43 5.95 -4.13
N ALA B 170 -19.80 5.69 -2.88
CA ALA B 170 -20.43 4.42 -2.51
C ALA B 170 -21.70 4.17 -3.35
N ARG B 171 -22.50 5.21 -3.56
CA ARG B 171 -23.67 5.18 -4.45
C ARG B 171 -23.33 4.84 -5.91
N ARG B 172 -22.11 5.16 -6.34
CA ARG B 172 -21.73 4.92 -7.76
C ARG B 172 -21.00 3.61 -7.97
N LEU B 173 -20.72 2.88 -6.90
CA LEU B 173 -20.01 1.61 -6.97
C LEU B 173 -20.87 0.57 -7.68
N PRO B 174 -20.23 -0.37 -8.40
CA PRO B 174 -20.95 -1.50 -8.99
C PRO B 174 -21.13 -2.66 -8.00
#